data_1R1K
#
_entry.id   1R1K
#
_cell.length_a   57.401
_cell.length_b   57.401
_cell.length_c   302.696
_cell.angle_alpha   90.00
_cell.angle_beta   90.00
_cell.angle_gamma   120.00
#
_symmetry.space_group_name_H-M   'P 31 2 1'
#
loop_
_entity.id
_entity.type
_entity.pdbx_description
1 polymer 'Ecdysone receptor'
2 polymer 'ULTRASPIRACLE PROTEIN'
3 non-polymer 2,3,14,20,22-PENTAHYDROXYCHOLEST-7-EN-6-ONE
4 non-polymer L-ALPHA-PHOSPHATIDYL-BETA-OLEOYL-GAMMA-PALMITOYL-PHOSPHATIDYLETHANOLAMINE
5 water water
#
loop_
_entity_poly.entity_id
_entity_poly.type
_entity_poly.pdbx_seq_one_letter_code
_entity_poly.pdbx_strand_id
1 'polypeptide(L)'
;GSHMASMTGGQQMGRDPLKNVPPLTANQKSLIARLVWYQEGYEQPSEEDLKRVTQTWQSDEDDEDSDMPFRQITEMTILT
VQLIVEFAKGLPGFAKISQSDQITLLKACSSEVMMLRVARRYDAATDSVLFANNQAYTRDNYRKAGMAYVIEDLLHFCRC
MYSMMMDNVHYALLTAIVIFSDRPGLEQPLLVEEIQRYYLNTLRVYILNQNSASPRCAVIFGKILGILTEIRTLGMQNSN
MCISLKLKNRKLPPFLEEIWDVADVA
;
D
2 'polypeptide(L)'
;MVQELSIERLLEMESLVADPSEEFQFLRVGPDSNVPPKFRAPVSSLCQIGNKQIAALVVWARDIPHFSQLEMEDQILLIK
GSWNELLLFAIAWRSMEFLTEERDGVDGTGNRTTSPPQLMCLMPGMTLHRNSALQAGVGQIFDRVLSELSLKMRTLRVDQ
AEYVALKAIILLNPDVKGLKNRQEVEVLREKMFLCLDEYCRRSRSSEEGRFAALLLRLPALRSISLKSFEHLFFFHLVAD
TSIAGYIRDALRNHAPPIDTNMM
;
A
#
loop_
_chem_comp.id
_chem_comp.type
_chem_comp.name
_chem_comp.formula
EPH non-polymer L-ALPHA-PHOSPHATIDYL-BETA-OLEOYL-GAMMA-PALMITOYL-PHOSPHATIDYLETHANOLAMINE 'C39 H68 N O8 P'
P1A non-polymer 2,3,14,20,22-PENTAHYDROXYCHOLEST-7-EN-6-ONE 'C27 H44 O6'
#
# COMPACT_ATOMS: atom_id res chain seq x y z
N VAL A 21 16.91 1.89 -25.41
CA VAL A 21 18.13 2.20 -24.60
C VAL A 21 18.47 3.70 -24.62
N PRO A 22 17.45 4.57 -24.57
CA PRO A 22 17.62 6.03 -24.58
C PRO A 22 18.08 6.70 -23.28
N PRO A 23 18.49 7.98 -23.36
CA PRO A 23 18.95 8.78 -22.22
C PRO A 23 17.75 9.55 -21.67
N LEU A 24 17.95 10.83 -21.36
CA LEU A 24 16.87 11.64 -20.85
C LEU A 24 16.88 13.03 -21.46
N THR A 25 15.71 13.63 -21.57
CA THR A 25 15.61 14.99 -22.12
C THR A 25 16.38 15.98 -21.23
N ALA A 26 16.18 17.27 -21.46
CA ALA A 26 16.85 18.25 -20.62
C ALA A 26 15.97 18.44 -19.40
N ASN A 27 14.66 18.55 -19.65
CA ASN A 27 13.69 18.72 -18.57
C ASN A 27 14.06 17.69 -17.51
N GLN A 28 13.88 16.42 -17.89
CA GLN A 28 14.15 15.31 -17.00
C GLN A 28 15.37 15.51 -16.13
N LYS A 29 16.53 15.67 -16.76
CA LYS A 29 17.74 15.85 -15.97
C LYS A 29 17.68 17.12 -15.15
N SER A 30 16.99 18.13 -15.65
CA SER A 30 16.90 19.39 -14.90
C SER A 30 16.09 19.14 -13.64
N LEU A 31 15.08 18.28 -13.78
CA LEU A 31 14.19 17.88 -12.69
C LEU A 31 14.99 16.99 -11.72
N ILE A 32 15.53 15.88 -12.24
CA ILE A 32 16.30 14.99 -11.40
C ILE A 32 17.31 15.82 -10.62
N ALA A 33 18.08 16.61 -11.35
CA ALA A 33 19.05 17.50 -10.73
C ALA A 33 18.30 18.25 -9.66
N ARG A 34 17.33 19.04 -10.11
CA ARG A 34 16.50 19.84 -9.22
C ARG A 34 16.01 19.09 -7.98
N LEU A 35 15.43 17.91 -8.18
CA LEU A 35 14.91 17.11 -7.08
C LEU A 35 16.00 16.66 -6.10
N VAL A 36 17.13 16.20 -6.63
CA VAL A 36 18.25 15.78 -5.78
C VAL A 36 18.72 16.95 -4.92
N TRP A 37 18.59 18.15 -5.46
CA TRP A 37 18.99 19.37 -4.77
C TRP A 37 18.02 19.70 -3.64
N TYR A 38 16.73 19.83 -3.96
CA TYR A 38 15.75 20.13 -2.93
C TYR A 38 15.77 19.09 -1.81
N GLN A 39 15.98 17.83 -2.18
CA GLN A 39 16.01 16.74 -1.20
C GLN A 39 17.04 17.01 -0.11
N GLU A 40 18.26 17.35 -0.51
CA GLU A 40 19.28 17.65 0.50
C GLU A 40 18.95 19.00 1.07
N GLY A 41 18.28 19.81 0.25
CA GLY A 41 17.87 21.12 0.68
C GLY A 41 16.94 21.00 1.87
N TYR A 42 16.11 19.95 1.88
CA TYR A 42 15.20 19.76 2.99
C TYR A 42 15.35 18.53 3.89
N GLU A 43 16.37 17.69 3.71
CA GLU A 43 16.46 16.50 4.57
C GLU A 43 16.31 16.83 6.03
N GLN A 44 16.94 17.93 6.48
CA GLN A 44 16.86 18.33 7.90
C GLN A 44 16.31 19.73 8.10
N PRO A 45 15.77 20.00 9.29
CA PRO A 45 15.23 21.33 9.56
C PRO A 45 16.39 22.24 9.87
N SER A 46 16.25 23.52 9.50
CA SER A 46 17.28 24.53 9.73
C SER A 46 17.92 24.46 11.10
N GLU A 47 19.16 24.93 11.15
CA GLU A 47 19.99 24.99 12.35
C GLU A 47 19.32 25.77 13.48
N GLU A 48 18.57 26.81 13.15
CA GLU A 48 17.89 27.58 14.19
C GLU A 48 16.67 26.81 14.68
N ASP A 49 15.84 26.36 13.74
CA ASP A 49 14.66 25.58 14.11
C ASP A 49 15.13 24.38 14.92
N LEU A 50 16.09 23.66 14.38
CA LEU A 50 16.62 22.50 15.06
C LEU A 50 17.13 22.91 16.42
N LYS A 51 17.80 24.05 16.49
CA LYS A 51 18.35 24.55 17.76
C LYS A 51 17.27 24.89 18.78
N ARG A 52 16.21 25.54 18.31
CA ARG A 52 15.10 25.96 19.15
C ARG A 52 14.35 24.83 19.85
N VAL A 53 14.02 23.79 19.11
CA VAL A 53 13.29 22.63 19.63
C VAL A 53 14.14 21.75 20.52
N THR A 54 15.40 21.60 20.15
CA THR A 54 16.33 20.75 20.90
C THR A 54 16.94 21.42 22.13
N GLN A 55 16.45 22.61 22.48
CA GLN A 55 16.95 23.34 23.67
C GLN A 55 16.72 22.59 24.99
N THR A 56 17.79 22.41 25.75
CA THR A 56 17.68 21.72 27.02
C THR A 56 18.97 21.04 27.41
N TRP A 57 19.48 21.37 28.59
CA TRP A 57 20.72 20.78 29.06
C TRP A 57 20.49 20.02 30.36
N ASP A 65 9.26 10.53 33.82
CA ASP A 65 8.96 11.66 32.90
C ASP A 65 8.85 11.19 31.45
N SER A 66 7.62 10.86 31.05
CA SER A 66 7.35 10.38 29.70
C SER A 66 6.95 11.47 28.70
N ASP A 67 7.19 12.74 29.04
CA ASP A 67 6.81 13.81 28.12
C ASP A 67 8.02 14.28 27.33
N MET A 68 9.20 13.82 27.72
CA MET A 68 10.41 14.23 27.03
C MET A 68 10.59 13.52 25.70
N PRO A 69 10.61 12.17 25.70
CA PRO A 69 10.80 11.55 24.40
C PRO A 69 9.63 12.03 23.58
N PHE A 70 8.46 12.03 24.21
CA PHE A 70 7.23 12.45 23.56
C PHE A 70 7.29 13.84 22.96
N ARG A 71 7.81 14.80 23.72
CA ARG A 71 7.91 16.16 23.21
C ARG A 71 8.80 16.21 21.97
N GLN A 72 10.02 15.65 22.09
CA GLN A 72 10.95 15.64 20.96
C GLN A 72 10.37 14.96 19.73
N ILE A 73 9.95 13.71 19.85
CA ILE A 73 9.38 12.98 18.73
C ILE A 73 8.25 13.78 18.07
N THR A 74 7.32 14.28 18.84
CA THR A 74 6.22 15.08 18.30
C THR A 74 6.70 16.40 17.70
N GLU A 75 7.53 17.15 18.44
CA GLU A 75 8.09 18.41 17.93
C GLU A 75 8.92 18.24 16.65
N MET A 76 9.75 17.19 16.59
CA MET A 76 10.57 16.89 15.41
C MET A 76 9.70 16.52 14.22
N THR A 77 8.57 15.85 14.48
CA THR A 77 7.66 15.46 13.41
C THR A 77 7.04 16.69 12.77
N ILE A 78 6.69 17.69 13.59
CA ILE A 78 6.13 18.94 13.07
C ILE A 78 7.12 19.63 12.11
N LEU A 79 8.43 19.46 12.37
CA LEU A 79 9.43 20.04 11.49
C LEU A 79 9.52 19.19 10.24
N THR A 80 9.47 17.88 10.41
CA THR A 80 9.54 17.00 9.26
C THR A 80 8.44 17.34 8.27
N VAL A 81 7.21 17.37 8.76
CA VAL A 81 6.05 17.64 7.92
C VAL A 81 6.22 18.95 7.17
N GLN A 82 6.66 19.99 7.88
CA GLN A 82 6.86 21.28 7.26
C GLN A 82 7.80 21.16 6.04
N LEU A 83 8.95 20.53 6.25
CA LEU A 83 9.95 20.31 5.19
C LEU A 83 9.31 19.58 4.02
N ILE A 84 8.56 18.53 4.35
CA ILE A 84 7.89 17.70 3.36
C ILE A 84 6.94 18.53 2.53
N VAL A 85 6.24 19.45 3.20
CA VAL A 85 5.28 20.32 2.52
C VAL A 85 6.02 21.27 1.58
N GLU A 86 7.01 22.01 2.07
CA GLU A 86 7.74 22.91 1.20
C GLU A 86 8.35 22.18 0.00
N PHE A 87 8.86 20.97 0.23
CA PHE A 87 9.44 20.23 -0.88
C PHE A 87 8.39 19.96 -1.93
N ALA A 88 7.21 19.62 -1.45
CA ALA A 88 6.09 19.32 -2.34
C ALA A 88 5.75 20.50 -3.26
N LYS A 89 5.90 21.71 -2.75
CA LYS A 89 5.60 22.88 -3.56
C LYS A 89 6.74 23.16 -4.57
N GLY A 90 7.97 22.81 -4.20
CA GLY A 90 9.08 23.02 -5.13
C GLY A 90 9.02 21.99 -6.25
N LEU A 91 7.84 21.41 -6.45
CA LEU A 91 7.67 20.40 -7.47
C LEU A 91 7.00 20.87 -8.73
N PRO A 92 7.60 20.54 -9.86
CA PRO A 92 7.06 20.93 -11.15
C PRO A 92 5.63 20.41 -11.34
N GLY A 93 4.71 21.31 -11.62
CA GLY A 93 3.34 20.90 -11.81
C GLY A 93 2.45 21.05 -10.58
N PHE A 94 3.06 21.19 -9.41
CA PHE A 94 2.27 21.31 -8.20
C PHE A 94 1.38 22.54 -8.20
N ALA A 95 1.95 23.69 -8.56
CA ALA A 95 1.18 24.93 -8.56
C ALA A 95 0.01 24.90 -9.57
N LYS A 96 -0.01 23.86 -10.42
CA LYS A 96 -1.08 23.70 -11.44
C LYS A 96 -2.28 23.01 -10.80
N ILE A 97 -2.22 22.79 -9.50
CA ILE A 97 -3.29 22.10 -8.82
C ILE A 97 -4.19 23.06 -8.06
N SER A 98 -5.46 22.73 -7.96
CA SER A 98 -6.41 23.57 -7.25
C SER A 98 -5.99 23.55 -5.80
N GLN A 99 -6.12 24.69 -5.12
CA GLN A 99 -5.77 24.75 -3.71
C GLN A 99 -6.46 23.61 -2.99
N SER A 100 -7.68 23.29 -3.45
CA SER A 100 -8.46 22.21 -2.86
C SER A 100 -7.67 20.90 -2.95
N ASP A 101 -7.23 20.58 -4.16
CA ASP A 101 -6.47 19.37 -4.40
C ASP A 101 -5.11 19.41 -3.72
N GLN A 102 -4.41 20.53 -3.85
CA GLN A 102 -3.08 20.66 -3.24
C GLN A 102 -3.10 20.25 -1.78
N ILE A 103 -4.09 20.72 -1.02
CA ILE A 103 -4.17 20.35 0.38
C ILE A 103 -4.60 18.88 0.48
N THR A 104 -5.22 18.40 -0.60
CA THR A 104 -5.66 17.01 -0.63
C THR A 104 -4.44 16.11 -0.81
N LEU A 105 -3.63 16.38 -1.83
CA LEU A 105 -2.44 15.57 -2.09
C LEU A 105 -1.51 15.68 -0.90
N LEU A 106 -1.16 16.91 -0.55
CA LEU A 106 -0.27 17.11 0.58
C LEU A 106 -0.74 16.41 1.85
N LYS A 107 -2.03 16.51 2.13
CA LYS A 107 -2.60 15.92 3.34
C LYS A 107 -2.46 14.42 3.41
N ALA A 108 -2.48 13.76 2.25
CA ALA A 108 -2.34 12.32 2.25
C ALA A 108 -0.89 11.87 2.14
N CYS A 109 -0.06 12.70 1.54
CA CYS A 109 1.35 12.37 1.37
C CYS A 109 2.16 12.68 2.62
N SER A 110 1.75 13.70 3.36
CA SER A 110 2.49 14.09 4.55
C SER A 110 3.03 12.89 5.33
N SER A 111 2.14 11.98 5.72
CA SER A 111 2.56 10.85 6.51
C SER A 111 3.33 9.73 5.79
N GLU A 112 3.08 9.54 4.50
CA GLU A 112 3.75 8.51 3.73
C GLU A 112 5.18 8.86 3.29
N VAL A 113 5.46 10.14 3.06
CA VAL A 113 6.80 10.55 2.66
C VAL A 113 7.65 10.56 3.95
N MET A 114 7.04 11.04 5.01
CA MET A 114 7.71 11.06 6.27
C MET A 114 8.25 9.67 6.57
N MET A 115 7.75 8.68 5.83
CA MET A 115 8.12 7.28 5.99
C MET A 115 9.41 6.98 5.21
N LEU A 116 9.49 7.57 4.02
CA LEU A 116 10.64 7.45 3.15
C LEU A 116 11.76 8.11 3.90
N ARG A 117 11.46 9.24 4.54
CA ARG A 117 12.48 9.96 5.29
C ARG A 117 12.92 9.29 6.60
N VAL A 118 12.10 8.45 7.20
CA VAL A 118 12.66 7.83 8.39
C VAL A 118 13.59 6.69 7.91
N ALA A 119 13.33 6.17 6.72
CA ALA A 119 14.17 5.08 6.20
C ALA A 119 15.59 5.60 5.96
N ARG A 120 15.69 6.78 5.37
CA ARG A 120 16.99 7.34 5.10
C ARG A 120 17.85 7.60 6.33
N ARG A 121 17.26 7.80 7.51
CA ARG A 121 18.06 8.04 8.70
C ARG A 121 18.09 6.80 9.61
N TYR A 122 17.84 5.63 9.04
CA TYR A 122 17.88 4.40 9.83
C TYR A 122 19.32 3.86 9.79
N ASP A 123 19.75 3.29 10.93
CA ASP A 123 21.10 2.75 11.10
C ASP A 123 20.99 1.28 11.44
N ALA A 124 21.37 0.42 10.50
CA ALA A 124 21.28 -1.03 10.71
C ALA A 124 22.12 -1.53 11.88
N ALA A 125 23.31 -0.97 12.03
CA ALA A 125 24.18 -1.37 13.10
C ALA A 125 23.48 -1.33 14.45
N THR A 126 22.67 -0.30 14.71
CA THR A 126 21.98 -0.21 16.01
C THR A 126 20.47 -0.43 15.98
N ASP A 127 19.93 -0.65 14.79
CA ASP A 127 18.50 -0.88 14.64
C ASP A 127 17.67 0.28 15.22
N SER A 128 18.19 1.49 15.09
CA SER A 128 17.52 2.65 15.63
C SER A 128 17.35 3.71 14.56
N VAL A 129 16.62 4.78 14.88
CA VAL A 129 16.42 5.87 13.93
C VAL A 129 17.19 7.06 14.45
N LEU A 130 17.85 7.79 13.56
CA LEU A 130 18.62 8.95 13.97
C LEU A 130 17.96 10.28 13.70
N PHE A 131 17.57 10.97 14.76
CA PHE A 131 16.92 12.27 14.62
C PHE A 131 17.91 13.33 14.16
N ALA A 132 17.40 14.40 13.56
CA ALA A 132 18.18 15.50 13.00
C ALA A 132 19.18 16.13 13.96
N ASN A 133 19.08 15.81 15.24
CA ASN A 133 20.00 16.34 16.23
C ASN A 133 21.05 15.28 16.51
N ASN A 134 21.20 14.32 15.59
CA ASN A 134 22.16 13.24 15.73
C ASN A 134 21.93 12.30 16.89
N GLN A 135 20.71 12.23 17.39
CA GLN A 135 20.43 11.31 18.49
C GLN A 135 19.78 10.04 17.95
N ALA A 136 20.17 8.88 18.49
CA ALA A 136 19.61 7.62 18.05
C ALA A 136 18.46 7.18 18.93
N TYR A 137 17.31 6.97 18.30
CA TYR A 137 16.12 6.56 19.03
C TYR A 137 15.84 5.08 18.77
N THR A 138 15.85 4.31 19.85
CA THR A 138 15.62 2.88 19.79
C THR A 138 14.17 2.46 19.97
N ARG A 139 13.90 1.19 19.70
CA ARG A 139 12.55 0.67 19.86
C ARG A 139 12.13 0.93 21.31
N ASP A 140 13.11 1.04 22.21
CA ASP A 140 12.83 1.30 23.62
C ASP A 140 12.43 2.74 23.91
N ASN A 141 12.96 3.68 23.13
CA ASN A 141 12.62 5.10 23.31
C ASN A 141 11.18 5.30 22.87
N TYR A 142 10.84 4.74 21.72
CA TYR A 142 9.50 4.87 21.21
C TYR A 142 8.54 4.21 22.19
N ARG A 143 9.01 3.24 22.96
CA ARG A 143 8.14 2.64 23.96
C ARG A 143 7.82 3.82 24.88
N LYS A 144 8.75 4.11 25.77
CA LYS A 144 8.60 5.21 26.72
C LYS A 144 7.66 6.32 26.26
N ALA A 145 7.89 6.88 25.07
CA ALA A 145 7.03 7.98 24.63
C ALA A 145 5.61 7.55 24.28
N GLY A 146 5.31 6.28 24.48
CA GLY A 146 3.99 5.75 24.19
C GLY A 146 3.70 5.50 22.72
N MET A 147 4.75 5.51 21.91
CA MET A 147 4.67 5.27 20.47
C MET A 147 5.04 3.79 20.23
N ALA A 148 5.07 3.02 21.31
CA ALA A 148 5.41 1.60 21.24
C ALA A 148 4.66 0.81 20.19
N TYR A 149 3.52 1.36 19.73
CA TYR A 149 2.67 0.70 18.72
C TYR A 149 3.21 0.83 17.26
N VAL A 150 3.69 2.01 16.94
CA VAL A 150 4.18 2.34 15.64
C VAL A 150 5.61 1.84 15.29
N ILE A 151 6.41 1.57 16.32
CA ILE A 151 7.79 1.21 16.07
C ILE A 151 8.21 -0.14 15.50
N GLU A 152 7.66 -1.25 15.96
CA GLU A 152 8.09 -2.56 15.41
C GLU A 152 7.93 -2.68 13.90
N ASP A 153 6.87 -2.07 13.36
CA ASP A 153 6.57 -2.10 11.92
C ASP A 153 7.39 -1.05 11.17
N LEU A 154 7.58 0.11 11.80
CA LEU A 154 8.33 1.20 11.16
C LEU A 154 9.78 0.83 10.95
N LEU A 155 10.31 0.10 11.93
CA LEU A 155 11.68 -0.37 11.91
C LEU A 155 11.85 -1.56 10.91
N HIS A 156 10.81 -2.38 10.70
CA HIS A 156 10.86 -3.49 9.76
C HIS A 156 10.93 -2.91 8.34
N PHE A 157 10.17 -1.86 8.12
CA PHE A 157 10.14 -1.21 6.83
C PHE A 157 11.52 -0.66 6.53
N CYS A 158 12.23 -0.19 7.57
CA CYS A 158 13.58 0.36 7.44
C CYS A 158 14.57 -0.72 7.05
N ARG A 159 14.52 -1.86 7.74
CA ARG A 159 15.39 -2.94 7.38
C ARG A 159 15.12 -3.30 5.91
N CYS A 160 13.87 -3.32 5.47
CA CYS A 160 13.57 -3.63 4.07
C CYS A 160 14.00 -2.57 3.06
N MET A 161 14.11 -1.32 3.51
CA MET A 161 14.51 -0.23 2.62
C MET A 161 16.02 -0.18 2.56
N TYR A 162 16.62 -0.72 3.61
CA TYR A 162 18.06 -0.77 3.75
C TYR A 162 18.64 -1.70 2.67
N SER A 163 18.31 -2.99 2.76
CA SER A 163 18.80 -3.98 1.81
C SER A 163 18.38 -3.57 0.41
N MET A 164 17.40 -2.69 0.32
CA MET A 164 16.95 -2.24 -0.98
C MET A 164 18.12 -1.52 -1.63
N MET A 165 18.86 -0.77 -0.82
CA MET A 165 20.02 -0.01 -1.30
C MET A 165 19.63 0.92 -2.44
N MET A 166 18.95 2.03 -2.14
CA MET A 166 18.56 2.93 -3.22
C MET A 166 19.40 4.20 -3.28
N ASP A 167 19.48 4.80 -4.45
CA ASP A 167 20.26 6.02 -4.57
C ASP A 167 19.33 7.22 -4.47
N ASN A 168 19.91 8.35 -4.11
CA ASN A 168 19.19 9.57 -3.92
C ASN A 168 18.30 10.00 -5.09
N VAL A 169 18.52 9.44 -6.27
CA VAL A 169 17.66 9.78 -7.39
C VAL A 169 16.33 9.08 -7.17
N HIS A 170 16.45 7.77 -6.97
CA HIS A 170 15.29 6.95 -6.69
C HIS A 170 14.50 7.69 -5.65
N TYR A 171 15.00 7.70 -4.42
CA TYR A 171 14.33 8.38 -3.33
C TYR A 171 13.67 9.70 -3.72
N ALA A 172 14.36 10.57 -4.44
CA ALA A 172 13.73 11.86 -4.81
C ALA A 172 12.56 11.63 -5.78
N LEU A 173 12.83 10.84 -6.82
CA LEU A 173 11.80 10.54 -7.77
C LEU A 173 10.60 9.89 -7.03
N LEU A 174 10.87 8.80 -6.32
CA LEU A 174 9.84 8.10 -5.55
C LEU A 174 8.98 9.09 -4.77
N THR A 175 9.63 9.94 -3.98
CA THR A 175 8.93 10.93 -3.20
C THR A 175 7.92 11.64 -4.08
N ALA A 176 8.44 12.33 -5.09
CA ALA A 176 7.61 13.08 -6.02
C ALA A 176 6.37 12.27 -6.38
N ILE A 177 6.61 11.06 -6.88
CA ILE A 177 5.54 10.16 -7.27
C ILE A 177 4.46 10.07 -6.19
N VAL A 178 4.84 9.63 -5.00
CA VAL A 178 3.93 9.52 -3.84
C VAL A 178 3.00 10.76 -3.76
N ILE A 179 3.58 11.94 -3.89
CA ILE A 179 2.80 13.16 -3.83
C ILE A 179 1.71 13.31 -4.88
N PHE A 180 1.95 12.91 -6.12
CA PHE A 180 0.91 13.01 -7.14
C PHE A 180 0.18 11.67 -7.29
N SER A 181 0.28 10.86 -6.24
CA SER A 181 -0.38 9.57 -6.18
C SER A 181 -1.87 9.89 -6.08
N ASP A 182 -2.68 9.15 -6.82
CA ASP A 182 -4.13 9.36 -6.84
C ASP A 182 -4.66 9.31 -5.43
N ARG A 183 -5.39 10.35 -5.02
CA ARG A 183 -6.00 10.40 -3.70
C ARG A 183 -7.50 10.70 -3.81
N PRO A 184 -8.28 10.20 -2.87
CA PRO A 184 -9.73 10.39 -2.83
C PRO A 184 -10.02 11.81 -2.38
N GLY A 185 -10.85 12.52 -3.14
CA GLY A 185 -11.20 13.90 -2.82
C GLY A 185 -10.66 14.81 -3.89
N LEU A 186 -9.97 14.20 -4.86
CA LEU A 186 -9.36 14.92 -5.98
C LEU A 186 -10.33 15.48 -7.00
N GLU A 187 -10.15 16.75 -7.36
CA GLU A 187 -10.98 17.47 -8.34
C GLU A 187 -10.60 17.17 -9.80
N GLN A 188 -9.31 17.32 -10.13
CA GLN A 188 -8.81 17.05 -11.48
C GLN A 188 -7.97 15.79 -11.41
N PRO A 189 -8.55 14.70 -10.88
CA PRO A 189 -7.84 13.42 -10.76
C PRO A 189 -6.98 13.08 -11.97
N LEU A 190 -7.58 13.10 -13.16
CA LEU A 190 -6.86 12.78 -14.39
C LEU A 190 -5.61 13.63 -14.62
N LEU A 191 -5.66 14.87 -14.15
CA LEU A 191 -4.54 15.78 -14.27
C LEU A 191 -3.35 15.17 -13.53
N VAL A 192 -3.47 15.12 -12.21
CA VAL A 192 -2.44 14.57 -11.33
C VAL A 192 -1.84 13.29 -11.88
N GLU A 193 -2.70 12.38 -12.34
CA GLU A 193 -2.24 11.10 -12.86
C GLU A 193 -1.09 11.23 -13.83
N GLU A 194 -1.12 12.32 -14.61
CA GLU A 194 -0.09 12.57 -15.61
C GLU A 194 1.04 13.36 -15.01
N ILE A 195 0.70 14.34 -14.17
CA ILE A 195 1.73 15.10 -13.52
C ILE A 195 2.64 14.03 -12.89
N GLN A 196 2.03 12.88 -12.57
CA GLN A 196 2.72 11.75 -11.95
C GLN A 196 3.36 10.85 -13.00
N ARG A 197 2.64 10.63 -14.10
CA ARG A 197 3.15 9.80 -15.19
C ARG A 197 4.54 10.26 -15.60
N TYR A 198 4.78 11.55 -15.41
CA TYR A 198 6.08 12.11 -15.76
C TYR A 198 7.14 11.51 -14.83
N TYR A 199 7.02 11.82 -13.54
CA TYR A 199 8.00 11.31 -12.59
C TYR A 199 8.10 9.79 -12.68
N LEU A 200 6.96 9.14 -12.87
CA LEU A 200 6.96 7.70 -12.96
C LEU A 200 7.83 7.29 -14.14
N ASN A 201 7.67 8.07 -15.22
CA ASN A 201 8.39 7.83 -16.46
C ASN A 201 9.89 8.11 -16.30
N THR A 202 10.24 9.29 -15.79
CA THR A 202 11.64 9.62 -15.55
C THR A 202 12.35 8.47 -14.79
N LEU A 203 11.73 7.97 -13.73
CA LEU A 203 12.30 6.89 -12.94
C LEU A 203 12.55 5.68 -13.79
N ARG A 204 11.63 5.38 -14.70
CA ARG A 204 11.77 4.24 -15.57
C ARG A 204 13.09 4.40 -16.32
N VAL A 205 13.22 5.52 -17.04
CA VAL A 205 14.43 5.83 -17.80
C VAL A 205 15.73 5.72 -17.00
N TYR A 206 15.84 6.50 -15.92
CA TYR A 206 17.02 6.51 -15.07
C TYR A 206 17.47 5.14 -14.58
N ILE A 207 16.53 4.21 -14.46
CA ILE A 207 16.86 2.87 -14.01
C ILE A 207 17.36 2.13 -15.25
N LEU A 208 16.76 2.47 -16.39
CA LEU A 208 17.10 1.87 -17.69
C LEU A 208 18.49 2.22 -18.19
N ASN A 209 19.07 3.25 -17.60
CA ASN A 209 20.40 3.65 -17.98
C ASN A 209 21.37 3.13 -16.93
N GLN A 210 21.08 3.36 -15.65
CA GLN A 210 21.97 2.92 -14.59
C GLN A 210 22.42 1.48 -14.66
N ASN A 211 21.68 0.65 -15.39
CA ASN A 211 22.08 -0.76 -15.53
C ASN A 211 21.77 -1.15 -16.96
N SER A 212 22.29 -2.29 -17.39
CA SER A 212 22.02 -2.76 -18.74
C SER A 212 20.50 -2.92 -18.83
N ALA A 213 19.86 -2.18 -19.75
CA ALA A 213 18.42 -2.24 -19.96
C ALA A 213 18.05 -3.70 -20.21
N SER A 214 18.41 -4.52 -19.24
CA SER A 214 18.19 -5.97 -19.27
C SER A 214 16.95 -6.36 -18.50
N PRO A 215 16.76 -7.68 -18.28
CA PRO A 215 15.59 -8.15 -17.53
C PRO A 215 15.43 -7.44 -16.19
N ARG A 216 16.38 -7.66 -15.30
CA ARG A 216 16.39 -7.06 -13.97
C ARG A 216 15.95 -5.61 -13.97
N CYS A 217 16.01 -4.94 -15.10
CA CYS A 217 15.61 -3.54 -15.16
C CYS A 217 14.19 -3.32 -14.66
N ALA A 218 13.28 -4.24 -14.93
CA ALA A 218 11.92 -4.09 -14.43
C ALA A 218 11.92 -4.46 -12.94
N VAL A 219 12.41 -5.66 -12.63
CA VAL A 219 12.49 -6.13 -11.25
C VAL A 219 12.85 -4.98 -10.31
N ILE A 220 13.71 -4.08 -10.76
CA ILE A 220 14.11 -2.95 -9.92
C ILE A 220 12.96 -1.95 -9.90
N PHE A 221 12.46 -1.59 -11.08
CA PHE A 221 11.34 -0.66 -11.17
C PHE A 221 10.14 -1.12 -10.33
N GLY A 222 9.95 -2.43 -10.25
CA GLY A 222 8.84 -3.01 -9.49
C GLY A 222 9.02 -2.92 -7.98
N LYS A 223 10.11 -3.49 -7.47
CA LYS A 223 10.38 -3.41 -6.04
C LYS A 223 10.20 -1.98 -5.54
N ILE A 224 10.63 -1.02 -6.34
CA ILE A 224 10.52 0.36 -5.97
C ILE A 224 9.05 0.76 -5.93
N LEU A 225 8.31 0.54 -7.00
CA LEU A 225 6.90 0.90 -6.98
C LEU A 225 6.15 0.18 -5.84
N GLY A 226 6.73 -0.93 -5.35
CA GLY A 226 6.15 -1.72 -4.27
C GLY A 226 6.20 -0.96 -3.00
N ILE A 227 7.21 -0.11 -2.84
CA ILE A 227 7.33 0.72 -1.65
C ILE A 227 6.02 1.51 -1.47
N LEU A 228 5.38 1.85 -2.58
CA LEU A 228 4.15 2.57 -2.48
C LEU A 228 3.15 1.83 -1.58
N THR A 229 2.86 0.58 -1.88
CA THR A 229 1.86 -0.07 -1.06
C THR A 229 2.27 -0.26 0.42
N GLU A 230 3.52 -0.49 0.71
CA GLU A 230 3.89 -0.64 2.12
C GLU A 230 3.70 0.68 2.89
N ILE A 231 4.02 1.76 2.19
CA ILE A 231 3.91 3.09 2.73
C ILE A 231 2.44 3.43 3.07
N ARG A 232 1.50 2.74 2.43
CA ARG A 232 0.08 2.95 2.72
C ARG A 232 -0.27 2.29 4.07
N THR A 233 0.29 1.12 4.35
CA THR A 233 0.03 0.48 5.61
C THR A 233 0.64 1.25 6.80
N LEU A 234 1.83 1.81 6.63
CA LEU A 234 2.47 2.55 7.69
C LEU A 234 1.78 3.88 7.86
N GLY A 235 1.03 4.29 6.85
CA GLY A 235 0.32 5.55 6.95
C GLY A 235 -0.88 5.42 7.89
N MET A 236 -1.63 4.34 7.72
CA MET A 236 -2.77 4.08 8.58
C MET A 236 -2.31 3.89 10.03
N GLN A 237 -1.13 3.30 10.22
CA GLN A 237 -0.66 3.06 11.56
C GLN A 237 -0.33 4.38 12.24
N ASN A 238 0.18 5.33 11.48
CA ASN A 238 0.53 6.65 12.02
C ASN A 238 -0.77 7.30 12.51
N SER A 239 -1.82 7.18 11.72
CA SER A 239 -3.14 7.71 12.04
C SER A 239 -3.74 7.06 13.27
N ASN A 240 -3.69 5.74 13.33
CA ASN A 240 -4.20 5.02 14.47
C ASN A 240 -3.45 5.43 15.70
N MET A 241 -2.17 5.75 15.53
CA MET A 241 -1.34 6.19 16.64
C MET A 241 -1.82 7.56 17.07
N CYS A 242 -2.14 8.41 16.12
CA CYS A 242 -2.62 9.75 16.45
C CYS A 242 -3.92 9.55 17.20
N ILE A 243 -4.75 8.63 16.72
CA ILE A 243 -6.02 8.33 17.40
C ILE A 243 -5.74 7.76 18.80
N SER A 244 -5.07 6.63 18.87
CA SER A 244 -4.79 6.04 20.18
C SER A 244 -3.95 6.97 21.07
N LEU A 245 -3.79 8.22 20.64
CA LEU A 245 -3.02 9.18 21.43
C LEU A 245 -3.92 10.31 21.87
N LYS A 246 -4.87 10.68 21.01
CA LYS A 246 -5.81 11.71 21.37
C LYS A 246 -6.65 11.05 22.47
N LEU A 247 -6.97 9.77 22.24
CA LEU A 247 -7.76 8.98 23.17
C LEU A 247 -7.06 8.84 24.52
N LYS A 248 -5.73 8.80 24.53
CA LYS A 248 -5.02 8.71 25.80
C LYS A 248 -4.90 10.12 26.38
N ASN A 249 -5.69 11.04 25.79
CA ASN A 249 -5.68 12.44 26.17
C ASN A 249 -4.22 12.83 26.28
N ARG A 250 -3.61 13.06 25.12
CA ARG A 250 -2.21 13.46 25.03
C ARG A 250 -2.16 14.42 23.85
N LYS A 251 -1.98 15.69 24.15
CA LYS A 251 -1.98 16.72 23.13
C LYS A 251 -1.07 16.44 21.94
N LEU A 252 -1.71 16.05 20.84
CA LEU A 252 -0.99 15.81 19.60
C LEU A 252 -0.98 17.22 19.00
N PRO A 253 0.20 17.76 18.74
CA PRO A 253 0.23 19.09 18.17
C PRO A 253 -0.96 19.38 17.23
N PRO A 254 -1.62 20.54 17.41
CA PRO A 254 -2.75 20.89 16.57
C PRO A 254 -2.34 20.79 15.12
N PHE A 255 -1.16 21.29 14.79
CA PHE A 255 -0.67 21.25 13.42
C PHE A 255 -0.77 19.86 12.79
N LEU A 256 -0.37 18.85 13.55
CA LEU A 256 -0.41 17.48 13.09
C LEU A 256 -1.82 16.91 13.09
N GLU A 257 -2.56 17.21 14.15
CA GLU A 257 -3.95 16.75 14.29
C GLU A 257 -4.75 17.24 13.11
N GLU A 258 -4.44 18.45 12.68
CA GLU A 258 -5.11 19.06 11.56
C GLU A 258 -4.70 18.40 10.25
N ILE A 259 -3.41 18.44 9.91
CA ILE A 259 -2.98 17.84 8.65
C ILE A 259 -3.27 16.33 8.45
N TRP A 260 -3.37 15.54 9.51
CA TRP A 260 -3.70 14.14 9.31
C TRP A 260 -5.17 13.77 9.54
N ASP A 261 -6.05 14.78 9.57
CA ASP A 261 -7.48 14.60 9.80
C ASP A 261 -7.79 13.75 11.00
N VAL A 262 -6.96 13.89 12.04
CA VAL A 262 -7.14 13.17 13.28
C VAL A 262 -8.34 13.79 13.99
N ALA A 263 -9.46 13.08 13.95
CA ALA A 263 -10.72 13.51 14.55
C ALA A 263 -10.64 13.89 16.02
N VAL B 2 7.97 -30.46 -11.40
CA VAL B 2 7.59 -29.05 -11.10
C VAL B 2 7.46 -28.24 -12.39
N GLN B 3 6.68 -27.15 -12.33
CA GLN B 3 6.47 -26.28 -13.49
C GLN B 3 7.00 -24.88 -13.22
N GLU B 4 7.13 -24.09 -14.29
CA GLU B 4 7.64 -22.74 -14.16
C GLU B 4 6.52 -21.74 -13.80
N LEU B 5 6.76 -20.96 -12.76
CA LEU B 5 5.81 -19.95 -12.35
C LEU B 5 5.74 -18.97 -13.52
N SER B 6 4.63 -19.02 -14.25
CA SER B 6 4.44 -18.14 -15.39
C SER B 6 2.98 -17.71 -15.46
N ILE B 7 2.73 -16.67 -16.25
CA ILE B 7 1.37 -16.22 -16.43
C ILE B 7 0.58 -17.43 -16.96
N GLU B 8 1.21 -18.19 -17.84
CA GLU B 8 0.60 -19.36 -18.44
C GLU B 8 0.04 -20.37 -17.45
N ARG B 9 0.86 -20.87 -16.52
CA ARG B 9 0.37 -21.85 -15.55
C ARG B 9 -0.76 -21.24 -14.75
N LEU B 10 -0.56 -20.02 -14.26
CA LEU B 10 -1.56 -19.32 -13.47
C LEU B 10 -2.96 -19.34 -14.12
N LEU B 11 -3.10 -18.74 -15.31
CA LEU B 11 -4.38 -18.73 -15.98
C LEU B 11 -5.06 -20.09 -15.99
N GLU B 12 -4.26 -21.13 -15.79
CA GLU B 12 -4.77 -22.49 -15.76
C GLU B 12 -5.14 -22.85 -14.34
N MET B 13 -5.04 -21.88 -13.46
CA MET B 13 -5.36 -22.09 -12.06
C MET B 13 -6.57 -21.23 -11.69
N GLU B 14 -6.74 -20.14 -12.41
CA GLU B 14 -7.85 -19.26 -12.15
C GLU B 14 -9.11 -20.07 -12.39
N SER B 15 -9.15 -20.74 -13.54
CA SER B 15 -10.30 -21.55 -13.91
C SER B 15 -10.51 -22.71 -12.94
N LEU B 16 -9.43 -23.14 -12.30
CA LEU B 16 -9.54 -24.25 -11.38
C LEU B 16 -10.57 -23.98 -10.29
N VAL B 17 -11.43 -24.98 -10.05
CA VAL B 17 -12.49 -24.89 -9.06
C VAL B 17 -12.03 -25.32 -7.66
N ALA B 18 -12.46 -24.57 -6.65
CA ALA B 18 -12.10 -24.88 -5.28
C ALA B 18 -12.82 -26.13 -4.85
N ASP B 19 -12.34 -26.73 -3.76
CA ASP B 19 -12.93 -27.96 -3.23
C ASP B 19 -13.67 -27.67 -1.93
N PRO B 20 -14.89 -27.10 -2.01
CA PRO B 20 -15.68 -26.78 -0.81
C PRO B 20 -15.97 -28.03 0.01
N SER B 21 -14.90 -28.64 0.52
CA SER B 21 -14.98 -29.83 1.33
C SER B 21 -14.83 -29.44 2.79
N GLU B 22 -14.00 -28.42 3.05
CA GLU B 22 -13.77 -27.99 4.41
C GLU B 22 -14.38 -26.64 4.77
N GLU B 23 -15.18 -26.65 5.84
CA GLU B 23 -15.86 -25.46 6.34
C GLU B 23 -14.99 -24.64 7.29
N PHE B 24 -14.36 -23.58 6.76
CA PHE B 24 -13.50 -22.73 7.57
C PHE B 24 -14.01 -21.31 7.68
N GLN B 25 -14.37 -20.95 8.91
CA GLN B 25 -14.92 -19.63 9.19
C GLN B 25 -13.89 -18.59 9.58
N PHE B 26 -13.37 -17.88 8.58
CA PHE B 26 -12.43 -16.82 8.84
C PHE B 26 -13.29 -15.64 9.23
N LEU B 27 -14.46 -15.59 8.61
CA LEU B 27 -15.47 -14.55 8.84
C LEU B 27 -16.74 -15.14 9.42
N ARG B 28 -17.31 -14.44 10.40
CA ARG B 28 -18.53 -14.90 11.07
C ARG B 28 -19.13 -13.84 11.98
N VAL B 29 -20.40 -13.99 12.35
CA VAL B 29 -21.02 -13.02 13.25
C VAL B 29 -20.69 -13.52 14.65
N GLY B 30 -19.75 -12.84 15.30
CA GLY B 30 -19.35 -13.23 16.63
C GLY B 30 -20.48 -12.98 17.61
N PRO B 31 -20.62 -13.82 18.66
CA PRO B 31 -21.71 -13.57 19.60
C PRO B 31 -21.55 -12.16 20.16
N ASP B 32 -20.29 -11.75 20.28
CA ASP B 32 -19.94 -10.43 20.80
C ASP B 32 -20.03 -9.36 19.71
N SER B 33 -20.85 -9.60 18.70
CA SER B 33 -20.98 -8.63 17.61
C SER B 33 -22.07 -7.65 17.94
N ASN B 34 -21.90 -6.41 17.50
CA ASN B 34 -22.92 -5.37 17.72
C ASN B 34 -23.59 -5.02 16.41
N VAL B 35 -23.88 -6.05 15.63
CA VAL B 35 -24.54 -5.90 14.34
C VAL B 35 -26.01 -6.04 14.66
N PRO B 36 -26.85 -5.08 14.23
CA PRO B 36 -28.28 -5.20 14.52
C PRO B 36 -28.79 -6.64 14.32
N PRO B 37 -29.86 -7.02 15.04
CA PRO B 37 -30.44 -8.37 14.93
C PRO B 37 -31.14 -8.70 13.61
N LYS B 38 -31.83 -7.73 13.03
CA LYS B 38 -32.55 -7.97 11.77
C LYS B 38 -31.61 -8.17 10.60
N PHE B 39 -30.30 -8.06 10.85
CA PHE B 39 -29.30 -8.24 9.80
C PHE B 39 -28.25 -9.28 10.09
N ARG B 40 -28.46 -10.09 11.10
CA ARG B 40 -27.50 -11.13 11.43
C ARG B 40 -27.59 -12.27 10.41
N ALA B 41 -28.79 -12.54 9.93
CA ALA B 41 -28.98 -13.60 8.94
C ALA B 41 -28.21 -13.28 7.68
N PRO B 42 -28.45 -12.09 7.10
CA PRO B 42 -27.77 -11.68 5.89
C PRO B 42 -26.25 -11.50 6.09
N VAL B 43 -25.83 -10.71 7.09
CA VAL B 43 -24.40 -10.51 7.36
C VAL B 43 -23.70 -11.84 7.61
N SER B 44 -24.43 -12.76 8.20
CA SER B 44 -23.86 -14.05 8.47
C SER B 44 -23.74 -14.75 7.10
N SER B 45 -24.82 -14.76 6.34
CA SER B 45 -24.87 -15.36 5.00
C SER B 45 -23.71 -14.85 4.13
N LEU B 46 -23.44 -13.54 4.24
CA LEU B 46 -22.36 -12.93 3.49
C LEU B 46 -21.00 -13.48 3.91
N CYS B 47 -20.79 -13.60 5.21
CA CYS B 47 -19.55 -14.11 5.74
C CYS B 47 -19.25 -15.47 5.16
N GLN B 48 -20.30 -16.31 5.11
CA GLN B 48 -20.22 -17.67 4.59
C GLN B 48 -19.73 -17.67 3.15
N ILE B 49 -20.22 -16.74 2.33
CA ILE B 49 -19.74 -16.62 0.94
C ILE B 49 -18.25 -16.27 1.06
N GLY B 50 -17.99 -15.20 1.81
CA GLY B 50 -16.64 -14.75 2.01
C GLY B 50 -15.74 -15.93 2.28
N ASN B 51 -16.15 -16.76 3.23
CA ASN B 51 -15.36 -17.90 3.59
C ASN B 51 -15.02 -18.86 2.46
N LYS B 52 -16.01 -19.24 1.67
CA LYS B 52 -15.69 -20.15 0.57
C LYS B 52 -14.49 -19.58 -0.18
N GLN B 53 -14.69 -18.40 -0.76
CA GLN B 53 -13.65 -17.70 -1.50
C GLN B 53 -12.26 -17.73 -0.86
N ILE B 54 -12.19 -17.46 0.44
CA ILE B 54 -10.90 -17.49 1.14
C ILE B 54 -10.29 -18.87 0.98
N ALA B 55 -11.00 -19.91 1.41
CA ALA B 55 -10.48 -21.25 1.27
C ALA B 55 -10.19 -21.47 -0.22
N ALA B 56 -11.01 -20.90 -1.08
CA ALA B 56 -10.80 -21.04 -2.52
C ALA B 56 -9.45 -20.42 -2.99
N LEU B 57 -8.97 -19.37 -2.32
CA LEU B 57 -7.70 -18.75 -2.68
C LEU B 57 -6.57 -19.42 -1.87
N VAL B 58 -6.95 -20.02 -0.74
CA VAL B 58 -6.02 -20.71 0.14
C VAL B 58 -5.53 -21.94 -0.57
N VAL B 59 -6.35 -22.46 -1.47
CA VAL B 59 -6.00 -23.66 -2.22
C VAL B 59 -5.47 -23.28 -3.59
N TRP B 60 -5.53 -21.99 -3.93
CA TRP B 60 -5.01 -21.53 -5.22
C TRP B 60 -3.60 -21.06 -4.91
N ALA B 61 -3.47 -20.36 -3.80
CA ALA B 61 -2.18 -19.89 -3.38
C ALA B 61 -1.23 -21.08 -3.36
N ARG B 62 -1.64 -22.13 -2.65
CA ARG B 62 -0.83 -23.32 -2.50
C ARG B 62 -0.52 -24.07 -3.78
N ASP B 63 -1.34 -23.92 -4.81
CA ASP B 63 -1.03 -24.61 -6.06
C ASP B 63 -0.24 -23.71 -7.01
N ILE B 64 0.48 -22.77 -6.42
CA ILE B 64 1.29 -21.86 -7.20
C ILE B 64 2.73 -22.35 -7.23
N PRO B 65 3.33 -22.36 -8.43
CA PRO B 65 4.68 -22.78 -8.78
C PRO B 65 5.73 -22.37 -7.75
N HIS B 66 6.10 -23.31 -6.89
CA HIS B 66 7.10 -23.10 -5.85
C HIS B 66 6.54 -22.69 -4.50
N PHE B 67 5.36 -22.09 -4.51
CA PHE B 67 4.75 -21.66 -3.25
C PHE B 67 4.79 -22.78 -2.18
N SER B 68 4.32 -23.96 -2.55
CA SER B 68 4.29 -25.10 -1.64
C SER B 68 5.69 -25.49 -1.14
N GLN B 69 6.74 -25.00 -1.81
CA GLN B 69 8.10 -25.33 -1.40
C GLN B 69 8.56 -24.51 -0.20
N LEU B 70 8.30 -23.21 -0.24
CA LEU B 70 8.67 -22.28 0.82
C LEU B 70 8.28 -22.91 2.16
N GLU B 71 8.88 -22.47 3.27
CA GLU B 71 8.53 -23.06 4.56
C GLU B 71 7.12 -22.68 4.96
N MET B 72 6.32 -23.68 5.30
CA MET B 72 4.93 -23.46 5.68
C MET B 72 4.69 -22.26 6.60
N GLU B 73 5.34 -22.20 7.77
CA GLU B 73 5.13 -21.06 8.66
C GLU B 73 4.99 -19.80 7.80
N ASP B 74 5.94 -19.60 6.88
CA ASP B 74 5.94 -18.47 5.95
C ASP B 74 4.67 -18.54 5.13
N GLN B 75 4.49 -19.67 4.45
CA GLN B 75 3.33 -19.91 3.62
C GLN B 75 2.06 -19.40 4.27
N ILE B 76 1.89 -19.71 5.55
CA ILE B 76 0.73 -19.26 6.30
C ILE B 76 0.72 -17.73 6.27
N LEU B 77 1.78 -17.15 6.81
CA LEU B 77 1.94 -15.72 6.88
C LEU B 77 1.72 -14.96 5.56
N LEU B 78 2.12 -15.56 4.45
CA LEU B 78 1.96 -14.90 3.16
C LEU B 78 0.50 -14.80 2.80
N ILE B 79 -0.22 -15.89 3.05
CA ILE B 79 -1.65 -15.95 2.78
C ILE B 79 -2.39 -15.09 3.82
N LYS B 80 -2.17 -15.41 5.09
CA LYS B 80 -2.77 -14.68 6.18
C LYS B 80 -2.62 -13.18 5.89
N GLY B 81 -1.56 -12.79 5.20
CA GLY B 81 -1.33 -11.39 4.92
C GLY B 81 -1.93 -10.82 3.66
N SER B 82 -2.46 -11.66 2.78
CA SER B 82 -3.01 -11.15 1.53
C SER B 82 -4.49 -11.48 1.17
N TRP B 83 -5.12 -12.42 1.89
CA TRP B 83 -6.51 -12.79 1.56
C TRP B 83 -7.53 -11.66 1.40
N ASN B 84 -7.52 -10.70 2.31
CA ASN B 84 -8.44 -9.59 2.25
C ASN B 84 -8.19 -8.93 0.91
N GLU B 85 -6.94 -8.56 0.67
CA GLU B 85 -6.53 -7.90 -0.56
C GLU B 85 -6.93 -8.75 -1.76
N LEU B 86 -6.63 -10.03 -1.68
CA LEU B 86 -7.00 -10.90 -2.77
C LEU B 86 -8.53 -10.93 -2.93
N LEU B 87 -9.20 -11.17 -1.83
CA LEU B 87 -10.66 -11.23 -1.75
C LEU B 87 -11.30 -10.01 -2.44
N LEU B 88 -10.83 -8.81 -2.06
CA LEU B 88 -11.32 -7.55 -2.60
C LEU B 88 -11.01 -7.32 -4.06
N PHE B 89 -9.83 -7.79 -4.48
CA PHE B 89 -9.36 -7.64 -5.85
C PHE B 89 -10.22 -8.44 -6.80
N ALA B 90 -10.61 -9.63 -6.33
CA ALA B 90 -11.44 -10.51 -7.13
C ALA B 90 -12.79 -9.83 -7.30
N ILE B 91 -13.28 -9.19 -6.23
CA ILE B 91 -14.56 -8.51 -6.29
C ILE B 91 -14.45 -7.41 -7.32
N ALA B 92 -13.41 -6.61 -7.27
CA ALA B 92 -13.28 -5.52 -8.21
C ALA B 92 -13.27 -6.07 -9.63
N TRP B 93 -12.63 -7.21 -9.83
CA TRP B 93 -12.57 -7.80 -11.17
C TRP B 93 -13.99 -8.10 -11.63
N ARG B 94 -14.64 -9.00 -10.91
CA ARG B 94 -16.01 -9.35 -11.24
C ARG B 94 -16.90 -8.11 -11.45
N SER B 95 -16.80 -7.15 -10.55
CA SER B 95 -17.61 -5.95 -10.62
C SER B 95 -17.48 -5.17 -11.92
N MET B 96 -16.38 -5.38 -12.62
CA MET B 96 -16.08 -4.68 -13.88
C MET B 96 -17.24 -4.76 -14.88
N GLU B 97 -17.84 -5.93 -14.95
CA GLU B 97 -18.98 -6.18 -15.80
C GLU B 97 -20.10 -5.17 -15.49
N PHE B 98 -20.74 -5.33 -14.35
CA PHE B 98 -21.83 -4.47 -13.94
C PHE B 98 -21.49 -3.00 -13.93
N LEU B 99 -20.32 -2.64 -14.46
CA LEU B 99 -19.94 -1.23 -14.52
C LEU B 99 -20.79 -0.54 -15.56
N THR B 100 -21.29 0.63 -15.19
CA THR B 100 -22.18 1.42 -16.06
C THR B 100 -21.44 2.29 -17.08
N GLU B 101 -20.11 2.40 -16.92
CA GLU B 101 -19.22 3.21 -17.77
C GLU B 101 -19.63 3.53 -19.21
N ARG B 112 -22.36 15.99 -15.92
CA ARG B 112 -23.65 15.99 -16.65
C ARG B 112 -23.77 14.77 -17.55
N THR B 113 -23.20 13.65 -17.11
CA THR B 113 -23.26 12.40 -17.88
C THR B 113 -23.16 11.13 -17.03
N THR B 114 -22.24 11.11 -16.06
CA THR B 114 -22.02 9.94 -15.20
C THR B 114 -22.38 10.09 -13.70
N SER B 115 -22.82 8.98 -13.12
CA SER B 115 -23.19 8.88 -11.70
C SER B 115 -22.39 7.72 -11.09
N PRO B 116 -22.36 7.61 -9.73
CA PRO B 116 -21.61 6.52 -9.08
C PRO B 116 -22.21 5.13 -9.34
N PRO B 117 -21.35 4.12 -9.60
CA PRO B 117 -21.79 2.75 -9.85
C PRO B 117 -22.67 2.23 -8.71
N GLN B 118 -23.62 1.36 -9.02
CA GLN B 118 -24.53 0.85 -8.01
C GLN B 118 -24.42 -0.63 -7.68
N LEU B 119 -23.66 -1.38 -8.47
CA LEU B 119 -23.52 -2.81 -8.22
C LEU B 119 -22.12 -3.28 -7.94
N MET B 120 -22.00 -4.20 -7.01
CA MET B 120 -20.74 -4.78 -6.66
C MET B 120 -20.94 -6.28 -6.71
N CYS B 121 -20.31 -6.95 -7.67
CA CYS B 121 -20.49 -8.38 -7.78
C CYS B 121 -19.62 -9.16 -6.80
N LEU B 122 -20.27 -9.83 -5.83
CA LEU B 122 -19.56 -10.63 -4.83
C LEU B 122 -19.20 -12.01 -5.34
N MET B 123 -20.09 -12.64 -6.08
CA MET B 123 -19.83 -13.95 -6.64
C MET B 123 -20.69 -14.11 -7.86
N PRO B 124 -20.33 -15.05 -8.72
CA PRO B 124 -21.17 -15.21 -9.91
C PRO B 124 -22.64 -15.11 -9.53
N GLY B 125 -23.40 -14.34 -10.31
CA GLY B 125 -24.82 -14.20 -10.05
C GLY B 125 -25.16 -13.11 -9.05
N MET B 126 -24.96 -13.44 -7.77
CA MET B 126 -25.18 -12.57 -6.63
C MET B 126 -24.36 -11.25 -6.65
N THR B 127 -25.01 -10.14 -6.29
CA THR B 127 -24.36 -8.83 -6.27
C THR B 127 -24.79 -8.00 -5.05
N LEU B 128 -24.08 -6.91 -4.79
CA LEU B 128 -24.38 -6.03 -3.68
C LEU B 128 -24.74 -4.65 -4.22
N HIS B 129 -25.88 -4.12 -3.80
CA HIS B 129 -26.31 -2.83 -4.27
C HIS B 129 -25.78 -1.71 -3.41
N ARG B 130 -25.43 -0.61 -4.06
CA ARG B 130 -24.86 0.53 -3.35
C ARG B 130 -25.63 0.96 -2.09
N ASN B 131 -26.92 1.24 -2.25
CA ASN B 131 -27.73 1.70 -1.13
C ASN B 131 -27.63 0.79 0.08
N SER B 132 -27.34 -0.49 -0.13
CA SER B 132 -27.23 -1.40 1.00
C SER B 132 -25.95 -1.08 1.75
N ALA B 133 -24.85 -0.93 1.02
CA ALA B 133 -23.59 -0.62 1.69
C ALA B 133 -23.83 0.70 2.42
N LEU B 134 -24.64 1.57 1.79
CA LEU B 134 -24.99 2.86 2.36
C LEU B 134 -25.73 2.65 3.69
N GLN B 135 -26.55 1.61 3.77
CA GLN B 135 -27.26 1.32 5.00
C GLN B 135 -26.27 0.74 5.99
N ALA B 136 -25.21 0.09 5.51
CA ALA B 136 -24.21 -0.50 6.42
C ALA B 136 -23.08 0.46 6.80
N GLY B 137 -23.18 1.70 6.32
CA GLY B 137 -22.14 2.67 6.61
C GLY B 137 -20.78 2.25 6.05
N VAL B 138 -20.78 1.70 4.84
CA VAL B 138 -19.53 1.30 4.21
C VAL B 138 -19.65 1.75 2.76
N GLY B 139 -20.34 2.88 2.57
CA GLY B 139 -20.56 3.42 1.25
C GLY B 139 -19.35 4.01 0.57
N GLN B 140 -18.44 4.58 1.37
CA GLN B 140 -17.23 5.17 0.81
C GLN B 140 -16.32 4.03 0.33
N ILE B 141 -16.01 3.11 1.22
CA ILE B 141 -15.18 1.96 0.89
C ILE B 141 -15.78 1.21 -0.30
N PHE B 142 -17.10 1.09 -0.33
CA PHE B 142 -17.78 0.45 -1.43
C PHE B 142 -17.39 1.27 -2.65
N ASP B 143 -17.55 2.58 -2.54
CA ASP B 143 -17.23 3.48 -3.63
C ASP B 143 -15.79 3.45 -4.07
N ARG B 144 -14.88 3.30 -3.11
CA ARG B 144 -13.48 3.24 -3.45
C ARG B 144 -13.19 1.96 -4.25
N VAL B 145 -13.78 0.84 -3.83
CA VAL B 145 -13.57 -0.41 -4.53
C VAL B 145 -14.00 -0.32 -5.99
N LEU B 146 -15.15 0.28 -6.26
CA LEU B 146 -15.60 0.35 -7.65
C LEU B 146 -14.97 1.43 -8.49
N SER B 147 -14.40 2.45 -7.85
CA SER B 147 -13.77 3.52 -8.61
C SER B 147 -12.30 3.30 -8.81
N GLU B 148 -11.55 3.32 -7.71
CA GLU B 148 -10.11 3.11 -7.75
C GLU B 148 -9.73 1.75 -8.32
N LEU B 149 -10.57 0.75 -8.14
CA LEU B 149 -10.23 -0.57 -8.65
C LEU B 149 -10.95 -1.05 -9.90
N SER B 150 -12.26 -1.31 -9.79
CA SER B 150 -13.00 -1.81 -10.94
C SER B 150 -13.01 -0.87 -12.12
N LEU B 151 -13.48 0.34 -11.89
CA LEU B 151 -13.56 1.30 -12.94
C LEU B 151 -12.19 1.58 -13.53
N LYS B 152 -11.27 2.06 -12.69
CA LYS B 152 -9.93 2.40 -13.13
C LYS B 152 -9.25 1.24 -13.86
N MET B 153 -9.70 0.01 -13.61
CA MET B 153 -9.13 -1.12 -14.31
C MET B 153 -9.76 -1.16 -15.69
N ARG B 154 -11.09 -1.14 -15.74
CA ARG B 154 -11.82 -1.13 -17.01
C ARG B 154 -11.06 -0.15 -17.90
N THR B 155 -10.90 1.09 -17.43
CA THR B 155 -10.18 2.10 -18.19
C THR B 155 -8.87 1.54 -18.68
N LEU B 156 -8.07 1.00 -17.76
CA LEU B 156 -6.77 0.41 -18.11
C LEU B 156 -6.91 -0.79 -19.07
N ARG B 157 -8.14 -1.28 -19.21
CA ARG B 157 -8.39 -2.42 -20.08
C ARG B 157 -7.53 -3.59 -19.63
N VAL B 158 -7.28 -3.73 -18.34
CA VAL B 158 -6.43 -4.83 -17.90
C VAL B 158 -7.07 -6.14 -18.32
N ASP B 159 -6.27 -7.12 -18.70
CA ASP B 159 -6.84 -8.38 -19.11
C ASP B 159 -6.50 -9.50 -18.16
N GLN B 160 -7.07 -10.66 -18.37
CA GLN B 160 -6.83 -11.80 -17.50
C GLN B 160 -5.37 -12.15 -17.22
N ALA B 161 -4.51 -11.91 -18.19
CA ALA B 161 -3.09 -12.22 -18.03
C ALA B 161 -2.48 -11.26 -17.00
N GLU B 162 -2.82 -9.98 -17.12
CA GLU B 162 -2.32 -8.96 -16.23
C GLU B 162 -2.94 -9.18 -14.86
N TYR B 163 -4.25 -9.40 -14.85
CA TYR B 163 -5.00 -9.66 -13.61
C TYR B 163 -4.46 -10.81 -12.77
N VAL B 164 -4.20 -11.98 -13.36
CA VAL B 164 -3.73 -13.07 -12.50
C VAL B 164 -2.29 -12.86 -12.13
N ALA B 165 -1.60 -12.03 -12.90
CA ALA B 165 -0.22 -11.74 -12.61
C ALA B 165 -0.25 -10.94 -11.29
N LEU B 166 -0.90 -9.77 -11.36
CA LEU B 166 -1.03 -8.92 -10.18
C LEU B 166 -1.32 -9.79 -8.98
N LYS B 167 -2.32 -10.65 -9.11
CA LYS B 167 -2.72 -11.55 -8.03
C LYS B 167 -1.51 -12.17 -7.37
N ALA B 168 -0.80 -13.02 -8.14
CA ALA B 168 0.41 -13.72 -7.67
C ALA B 168 1.36 -12.73 -6.99
N ILE B 169 1.52 -11.58 -7.62
CA ILE B 169 2.35 -10.55 -7.05
C ILE B 169 1.84 -10.16 -5.66
N ILE B 170 0.53 -9.91 -5.55
CA ILE B 170 -0.09 -9.51 -4.29
C ILE B 170 0.23 -10.53 -3.19
N LEU B 171 -0.07 -11.80 -3.48
CA LEU B 171 0.25 -12.86 -2.54
C LEU B 171 1.74 -12.98 -2.26
N LEU B 172 2.54 -12.96 -3.34
CA LEU B 172 3.99 -13.12 -3.22
C LEU B 172 4.72 -11.88 -2.76
N ASN B 173 4.46 -11.50 -1.51
CA ASN B 173 5.06 -10.33 -0.88
C ASN B 173 6.11 -10.68 0.16
N PRO B 174 7.35 -10.22 -0.04
CA PRO B 174 8.52 -10.43 0.82
C PRO B 174 8.50 -9.51 2.03
N ASP B 175 7.82 -8.39 1.93
CA ASP B 175 7.76 -7.43 3.03
C ASP B 175 6.91 -7.88 4.22
N VAL B 176 6.09 -8.89 4.03
CA VAL B 176 5.29 -9.43 5.12
C VAL B 176 6.19 -9.74 6.32
N LYS B 177 5.91 -9.12 7.47
CA LYS B 177 6.74 -9.34 8.66
C LYS B 177 6.80 -10.79 9.16
N GLY B 178 7.96 -11.20 9.66
CA GLY B 178 8.15 -12.55 10.18
C GLY B 178 8.57 -13.66 9.23
N LEU B 179 8.85 -13.32 7.97
CA LEU B 179 9.24 -14.36 7.03
C LEU B 179 10.58 -15.04 7.36
N LYS B 180 10.50 -16.31 7.75
CA LYS B 180 11.68 -17.12 8.07
C LYS B 180 12.79 -16.86 7.04
N ASN B 181 12.43 -16.72 5.76
CA ASN B 181 13.40 -16.47 4.70
C ASN B 181 12.89 -15.59 3.58
N ARG B 182 12.90 -14.29 3.85
CA ARG B 182 12.44 -13.26 2.92
C ARG B 182 12.87 -13.43 1.46
N GLN B 183 14.15 -13.69 1.24
CA GLN B 183 14.63 -13.80 -0.12
C GLN B 183 14.04 -14.98 -0.88
N GLU B 184 13.64 -16.02 -0.16
CA GLU B 184 13.03 -17.15 -0.84
C GLU B 184 11.73 -16.72 -1.52
N VAL B 185 11.15 -15.61 -1.03
CA VAL B 185 9.93 -15.07 -1.60
C VAL B 185 10.30 -14.04 -2.67
N GLU B 186 11.31 -13.22 -2.39
CA GLU B 186 11.79 -12.18 -3.33
C GLU B 186 12.03 -12.77 -4.73
N VAL B 187 12.50 -14.02 -4.79
CA VAL B 187 12.78 -14.65 -6.07
C VAL B 187 11.46 -14.86 -6.81
N LEU B 188 10.52 -15.52 -6.13
CA LEU B 188 9.19 -15.77 -6.69
C LEU B 188 8.51 -14.46 -7.14
N ARG B 189 8.73 -13.39 -6.41
CA ARG B 189 8.15 -12.12 -6.81
C ARG B 189 8.86 -11.58 -8.04
N GLU B 190 10.19 -11.47 -7.93
CA GLU B 190 10.98 -10.95 -9.04
C GLU B 190 10.70 -11.68 -10.35
N LYS B 191 10.47 -12.98 -10.29
CA LYS B 191 10.16 -13.72 -11.51
C LYS B 191 8.87 -13.10 -12.11
N MET B 192 7.88 -12.93 -11.24
CA MET B 192 6.61 -12.35 -11.66
C MET B 192 6.77 -10.95 -12.24
N PHE B 193 7.68 -10.15 -11.68
CA PHE B 193 7.89 -8.78 -12.19
C PHE B 193 8.31 -8.80 -13.64
N LEU B 194 9.07 -9.85 -13.99
CA LEU B 194 9.55 -10.07 -15.33
C LEU B 194 8.40 -10.49 -16.24
N CYS B 195 7.88 -11.69 -15.99
CA CYS B 195 6.79 -12.22 -16.79
C CYS B 195 5.80 -11.14 -17.17
N LEU B 196 5.47 -10.27 -16.22
CA LEU B 196 4.52 -9.19 -16.45
C LEU B 196 5.00 -8.10 -17.42
N ASP B 197 6.24 -7.66 -17.21
CA ASP B 197 6.88 -6.62 -18.01
C ASP B 197 6.96 -6.99 -19.48
N GLU B 198 7.26 -8.25 -19.77
CA GLU B 198 7.34 -8.66 -21.16
C GLU B 198 5.93 -8.70 -21.72
N TYR B 199 5.01 -9.28 -20.95
CA TYR B 199 3.63 -9.38 -21.40
C TYR B 199 3.13 -8.05 -21.85
N CYS B 200 3.51 -7.00 -21.14
CA CYS B 200 3.09 -5.68 -21.53
C CYS B 200 3.82 -5.37 -22.83
N ARG B 201 5.12 -5.68 -22.84
CA ARG B 201 5.96 -5.46 -24.02
C ARG B 201 5.31 -6.16 -25.20
N ARG B 202 5.30 -7.48 -25.16
CA ARG B 202 4.71 -8.27 -26.22
C ARG B 202 3.31 -7.83 -26.64
N SER B 203 2.35 -8.00 -25.73
CA SER B 203 0.94 -7.71 -26.00
C SER B 203 0.36 -6.29 -26.05
N ARG B 204 1.14 -5.27 -25.70
CA ARG B 204 0.64 -3.88 -25.75
C ARG B 204 1.77 -2.86 -25.80
N SER B 205 2.89 -3.22 -26.44
CA SER B 205 4.08 -2.37 -26.52
C SER B 205 3.85 -0.89 -26.83
N SER B 206 2.64 -0.55 -27.26
CA SER B 206 2.31 0.85 -27.56
C SER B 206 1.97 1.61 -26.27
N GLU B 207 1.95 0.90 -25.14
CA GLU B 207 1.61 1.48 -23.83
C GLU B 207 2.76 2.08 -23.03
N GLU B 208 2.83 3.41 -23.01
CA GLU B 208 3.86 4.13 -22.27
C GLU B 208 3.49 4.09 -20.78
N GLY B 209 4.11 3.17 -20.03
CA GLY B 209 3.85 3.10 -18.60
C GLY B 209 2.71 2.21 -18.11
N ARG B 210 2.40 1.14 -18.83
CA ARG B 210 1.35 0.24 -18.41
C ARG B 210 1.83 -0.54 -17.18
N PHE B 211 3.03 -1.06 -17.29
CA PHE B 211 3.65 -1.84 -16.21
C PHE B 211 3.49 -1.13 -14.88
N ALA B 212 3.61 0.20 -14.90
CA ALA B 212 3.48 0.99 -13.69
C ALA B 212 2.04 1.22 -13.30
N ALA B 213 1.19 1.47 -14.29
CA ALA B 213 -0.22 1.72 -14.03
C ALA B 213 -0.88 0.47 -13.43
N LEU B 214 -0.38 -0.71 -13.80
CA LEU B 214 -0.95 -1.93 -13.23
C LEU B 214 -0.45 -2.07 -11.79
N LEU B 215 0.85 -1.87 -11.61
CA LEU B 215 1.44 -1.98 -10.28
C LEU B 215 1.04 -0.86 -9.34
N LEU B 216 0.39 0.17 -9.88
CA LEU B 216 -0.03 1.30 -9.09
C LEU B 216 -1.42 1.09 -8.52
N ARG B 217 -1.97 -0.10 -8.74
CA ARG B 217 -3.29 -0.47 -8.23
C ARG B 217 -3.04 -1.11 -6.87
N LEU B 218 -1.87 -1.71 -6.75
CA LEU B 218 -1.49 -2.37 -5.53
C LEU B 218 -1.59 -1.52 -4.29
N PRO B 219 -1.31 -0.21 -4.39
CA PRO B 219 -1.43 0.61 -3.16
C PRO B 219 -2.90 0.91 -2.95
N ALA B 220 -3.55 1.41 -3.99
CA ALA B 220 -4.98 1.72 -3.92
C ALA B 220 -5.71 0.52 -3.30
N LEU B 221 -5.24 -0.68 -3.61
CA LEU B 221 -5.83 -1.89 -3.07
C LEU B 221 -5.50 -2.09 -1.59
N ARG B 222 -4.25 -1.85 -1.22
CA ARG B 222 -3.80 -2.04 0.15
C ARG B 222 -4.59 -1.15 1.10
N SER B 223 -4.80 0.09 0.67
CA SER B 223 -5.54 1.05 1.49
C SER B 223 -6.98 0.60 1.72
N ILE B 224 -7.65 0.19 0.65
CA ILE B 224 -9.02 -0.26 0.74
C ILE B 224 -9.06 -1.45 1.66
N SER B 225 -8.18 -2.41 1.46
CA SER B 225 -8.22 -3.57 2.33
C SER B 225 -7.98 -3.13 3.77
N LEU B 226 -7.03 -2.23 3.98
CA LEU B 226 -6.73 -1.78 5.32
C LEU B 226 -7.97 -1.19 5.98
N LYS B 227 -8.77 -0.49 5.19
CA LYS B 227 -9.97 0.11 5.71
C LYS B 227 -11.01 -0.94 5.98
N SER B 228 -11.15 -1.90 5.08
CA SER B 228 -12.15 -2.92 5.27
C SER B 228 -11.87 -3.77 6.51
N PHE B 229 -10.66 -3.69 7.05
CA PHE B 229 -10.39 -4.44 8.27
C PHE B 229 -10.96 -3.69 9.48
N GLU B 230 -10.82 -2.37 9.47
CA GLU B 230 -11.38 -1.57 10.54
C GLU B 230 -12.84 -1.97 10.67
N HIS B 231 -13.62 -1.77 9.60
CA HIS B 231 -15.02 -2.13 9.59
C HIS B 231 -15.29 -3.54 10.04
N LEU B 232 -14.54 -4.49 9.51
CA LEU B 232 -14.75 -5.87 9.90
C LEU B 232 -14.54 -5.99 11.40
N PHE B 233 -13.50 -5.34 11.93
CA PHE B 233 -13.20 -5.42 13.36
C PHE B 233 -14.19 -4.72 14.27
N PHE B 234 -14.69 -3.58 13.83
CA PHE B 234 -15.65 -2.84 14.61
C PHE B 234 -16.86 -3.75 14.87
N PHE B 235 -17.04 -4.74 14.00
CA PHE B 235 -18.15 -5.68 14.09
C PHE B 235 -17.77 -7.09 14.47
N HIS B 236 -16.59 -7.27 15.03
CA HIS B 236 -16.17 -8.58 15.50
C HIS B 236 -16.36 -9.70 14.50
N LEU B 237 -16.42 -9.31 13.22
CA LEU B 237 -16.62 -10.22 12.10
C LEU B 237 -15.47 -11.16 11.76
N VAL B 238 -14.24 -10.74 12.06
CA VAL B 238 -13.09 -11.56 11.74
C VAL B 238 -12.72 -12.55 12.84
N ALA B 239 -12.35 -13.75 12.44
CA ALA B 239 -11.94 -14.80 13.37
C ALA B 239 -10.46 -14.57 13.64
N ASP B 240 -10.11 -13.31 13.88
CA ASP B 240 -8.76 -12.83 14.15
C ASP B 240 -7.75 -13.89 14.59
N THR B 241 -7.81 -14.23 15.87
CA THR B 241 -6.89 -15.21 16.44
C THR B 241 -6.93 -16.63 15.86
N SER B 242 -8.00 -16.99 15.17
CA SER B 242 -8.07 -18.34 14.65
C SER B 242 -7.75 -18.56 13.18
N ILE B 243 -7.39 -17.50 12.46
CA ILE B 243 -7.13 -17.65 11.04
C ILE B 243 -5.87 -18.41 10.66
N ALA B 244 -4.75 -18.12 11.32
CA ALA B 244 -3.51 -18.84 10.99
C ALA B 244 -3.82 -20.31 10.94
N GLY B 245 -4.44 -20.81 12.01
CA GLY B 245 -4.84 -22.20 12.15
C GLY B 245 -5.55 -22.78 10.94
N TYR B 246 -6.67 -22.18 10.56
CA TYR B 246 -7.43 -22.66 9.40
C TYR B 246 -6.48 -22.66 8.23
N ILE B 247 -5.73 -21.56 8.09
CA ILE B 247 -4.75 -21.43 7.01
C ILE B 247 -3.81 -22.62 7.16
N ARG B 248 -3.23 -22.75 8.34
CA ARG B 248 -2.35 -23.86 8.64
C ARG B 248 -3.10 -25.14 8.26
N ASP B 249 -4.06 -25.50 9.12
CA ASP B 249 -4.91 -26.68 8.97
C ASP B 249 -5.20 -27.02 7.50
N ALA B 250 -5.77 -26.04 6.78
CA ALA B 250 -6.13 -26.21 5.38
C ALA B 250 -4.94 -26.47 4.46
N LEU B 251 -3.77 -25.94 4.82
CA LEU B 251 -2.61 -26.13 3.99
C LEU B 251 -2.00 -27.53 4.02
N ARG B 252 -2.79 -28.48 4.53
CA ARG B 252 -2.37 -29.88 4.60
C ARG B 252 -3.30 -30.80 3.81
C5 P1A C . 14.24 13.83 11.51
C10 P1A C . 13.61 12.59 10.74
C1 P1A C . 13.82 12.80 9.13
C2 P1A C . 13.31 14.21 8.71
C3 P1A C . 13.96 15.39 9.55
C4 P1A C . 13.80 15.22 11.06
C9 P1A C . 12.01 12.46 11.07
C19 P1A C . 14.53 11.33 11.15
C11 P1A C . 11.40 11.17 10.37
C8 P1A C . 11.78 12.59 12.71
C12 P1A C . 10.11 10.74 11.03
C14 P1A C . 10.49 11.94 13.20
C13 P1A C . 10.22 10.50 12.61
C18 P1A C . 11.32 9.42 12.97
C17 P1A C . 8.89 10.15 13.37
O14 P1A C . 9.58 12.96 12.81
C15 P1A C . 10.20 11.81 14.74
C20 P1A C . 8.11 8.81 13.29
C16 P1A C . 9.18 10.66 14.83
C22 P1A C . 6.76 8.90 14.28
O20 P1A C . 8.97 7.86 13.82
C21 P1A C . 7.80 8.36 11.75
C6 P1A C . 13.97 13.73 13.08
C7 P1A C . 12.69 13.11 13.58
O3 P1A C . 15.24 15.40 9.33
O2 P1A C . 13.48 14.44 7.34
O22 P1A C . 6.07 7.65 14.34
C23 P1A C . 5.66 9.97 13.83
C24 P1A C . 4.55 9.94 14.90
C25 P1A C . 3.62 11.10 15.05
C26 P1A C . 4.21 12.09 15.99
C27 P1A C . 2.30 10.53 15.56
O6 P1A C . 14.71 14.14 13.90
C1 EPH D . -27.95 -2.44 7.41
C2 EPH D . -27.47 -2.34 8.88
C4 EPH D . -27.72 -4.20 5.65
O2 EPH D . -27.47 -3.72 6.89
O4 EPH D . -28.37 -3.66 4.80
C18 EPH D . -27.03 -5.59 5.47
C19 EPH D . -26.10 -5.66 4.24
C20 EPH D . -24.75 -4.99 4.51
C21 EPH D . -23.90 -5.05 3.28
C22 EPH D . -22.47 -4.58 3.52
C23 EPH D . -21.42 -5.67 3.25
C24 EPH D . -21.24 -6.68 4.40
C25 EPH D . -19.81 -7.31 4.47
C26 EPH D . -19.66 -8.56 5.39
C27 EPH D . -18.38 -9.35 5.09
C28 EPH D . -18.61 -10.58 4.21
C29 EPH D . -18.56 -10.33 2.69
C30 EPH D . -17.14 -10.19 2.05
C31 EPH D . -15.94 -10.95 2.68
C32 EPH D . -14.62 -10.11 2.83
C33 EPH D . -14.63 -8.65 2.36
C34 EPH D . -13.24 -8.00 2.39
C37 EPH D . -27.96 -1.05 9.55
O5 EPH D . -27.56 -1.07 10.95
C3 EPH D . -25.40 -3.42 9.54
O1 EPH D . -26.04 -2.44 8.86
O3 EPH D . -25.95 -4.27 10.18
C5 EPH D . -23.88 -3.33 9.40
C6 EPH D . -23.23 -4.71 9.28
C7 EPH D . -21.73 -4.68 9.18
C8 EPH D . -21.20 -5.32 7.91
C9 EPH D . -19.68 -5.32 7.84
C10 EPH D . -19.13 -4.05 7.19
C11 EPH D . -17.70 -4.23 6.71
C12 EPH D . -17.67 -4.44 5.21
C13 EPH D . -16.47 -3.77 4.57
C14 EPH D . -15.65 -4.77 3.72
C15 EPH D . -15.67 -4.53 2.17
C16 EPH D . -16.53 -5.51 1.34
C17 EPH D . -18.02 -5.18 1.37
C35 EPH D . -18.26 -3.87 0.67
C36 EPH D . -19.75 -3.60 0.60
P1 EPH D . -26.56 0.04 11.35
O6 EPH D . -26.02 -0.31 12.64
O7 EPH D . -27.63 0.77 11.99
O8 EPH D . -26.21 1.21 10.60
C38 EPH D . -24.78 1.05 10.06
C39 EPH D . -23.87 2.11 10.68
N1 EPH D . -24.28 3.43 10.18
#